data_7MPX
#
_entry.id   7MPX
#
_cell.length_a   66.570
_cell.length_b   61.000
_cell.length_c   66.610
_cell.angle_alpha   90.000
_cell.angle_beta   119.920
_cell.angle_gamma   90.000
#
_symmetry.space_group_name_H-M   'P 1 21 1'
#
loop_
_entity.id
_entity.type
_entity.pdbx_description
1 polymer 'BMC domain-containing protein'
2 non-polymer 'PHOSPHATE ION'
3 water water
#
_entity_poly.entity_id   1
_entity_poly.type   'polypeptide(L)'
_entity_poly.pdbx_seq_one_letter_code
;MHHHHHHMREALGLIETKGLVACIEAADAMCAAANVELIGYGNVGSGLVTAMVKGDVGAVNAAVDSGVEAARRIGEVVTS
RVIARPHNDIEKIASQHKA
;
_entity_poly.pdbx_strand_id   A,B,C,D,E,F
#
# COMPACT_ATOMS: atom_id res chain seq x y z
N ARG A 9 17.16 1.41 -27.04
CA ARG A 9 18.36 2.08 -27.53
C ARG A 9 18.36 3.57 -27.22
N GLU A 10 17.78 3.93 -26.07
CA GLU A 10 17.55 5.33 -25.72
C GLU A 10 17.86 5.52 -24.25
N ALA A 11 18.42 6.67 -23.88
CA ALA A 11 18.71 6.88 -22.47
C ALA A 11 17.40 7.05 -21.68
N LEU A 12 17.50 6.82 -20.37
CA LEU A 12 16.35 6.79 -19.47
C LEU A 12 16.59 7.75 -18.33
N GLY A 13 15.61 8.64 -18.08
CA GLY A 13 15.66 9.58 -16.98
C GLY A 13 14.61 9.24 -15.93
N LEU A 14 14.98 9.40 -14.67
CA LEU A 14 14.18 8.89 -13.56
C LEU A 14 14.17 9.93 -12.45
N ILE A 15 12.97 10.34 -12.01
CA ILE A 15 12.84 11.17 -10.83
C ILE A 15 11.80 10.56 -9.90
N GLU A 16 12.19 10.31 -8.67
CA GLU A 16 11.29 9.74 -7.67
C GLU A 16 11.02 10.79 -6.61
N THR A 17 9.75 11.00 -6.30
CA THR A 17 9.33 12.04 -5.38
C THR A 17 8.44 11.44 -4.30
N LYS A 18 8.38 12.14 -3.17
CA LYS A 18 7.41 11.87 -2.12
C LYS A 18 6.10 12.57 -2.49
N GLY A 19 5.12 11.82 -2.97
CA GLY A 19 3.81 12.34 -3.30
C GLY A 19 3.60 12.44 -4.80
N LEU A 20 2.32 12.34 -5.20
CA LEU A 20 1.99 12.34 -6.62
C LEU A 20 2.14 13.71 -7.26
N VAL A 21 1.91 14.79 -6.51
CA VAL A 21 1.85 16.10 -7.17
C VAL A 21 3.23 16.59 -7.58
N ALA A 22 4.22 16.42 -6.69
CA ALA A 22 5.60 16.73 -7.06
C ALA A 22 6.04 15.96 -8.31
N CYS A 23 5.61 14.71 -8.42
CA CYS A 23 6.04 13.88 -9.55
C CYS A 23 5.47 14.37 -10.87
N ILE A 24 4.20 14.77 -10.87
CA ILE A 24 3.59 15.36 -12.07
C ILE A 24 4.30 16.63 -12.45
N GLU A 25 4.70 17.44 -11.46
CA GLU A 25 5.48 18.64 -11.74
C GLU A 25 6.85 18.29 -12.30
N ALA A 26 7.54 17.30 -11.72
CA ALA A 26 8.81 16.91 -12.29
C ALA A 26 8.62 16.43 -13.72
N ALA A 27 7.58 15.63 -13.99
CA ALA A 27 7.41 15.09 -15.33
C ALA A 27 7.07 16.17 -16.33
N ASP A 28 6.23 17.13 -15.95
CA ASP A 28 5.93 18.24 -16.86
C ASP A 28 7.17 19.07 -17.12
N ALA A 29 7.99 19.31 -16.08
CA ALA A 29 9.18 20.13 -16.26
C ALA A 29 10.24 19.40 -17.08
N MET A 30 10.31 18.07 -16.96
CA MET A 30 11.23 17.31 -17.81
C MET A 30 10.84 17.46 -19.29
N CYS A 31 9.57 17.23 -19.61
CA CYS A 31 9.12 17.28 -21.01
C CYS A 31 9.11 18.69 -21.57
N ALA A 32 9.06 19.72 -20.73
CA ALA A 32 9.20 21.08 -21.22
C ALA A 32 10.65 21.46 -21.44
N ALA A 33 11.58 20.79 -20.73
CA ALA A 33 12.97 21.24 -20.77
C ALA A 33 13.72 20.74 -22.00
N ALA A 34 13.39 19.56 -22.51
CA ALA A 34 14.17 18.98 -23.60
C ALA A 34 13.30 18.01 -24.39
N ASN A 35 13.87 17.47 -25.47
CA ASN A 35 13.13 16.61 -26.37
C ASN A 35 13.12 15.18 -25.81
N VAL A 36 12.46 15.03 -24.66
CA VAL A 36 12.29 13.73 -24.04
C VAL A 36 10.82 13.36 -24.10
N GLU A 37 10.57 12.06 -23.99
CA GLU A 37 9.24 11.50 -24.08
C GLU A 37 8.93 10.82 -22.76
N LEU A 38 7.80 11.21 -22.16
CA LEU A 38 7.37 10.61 -20.91
C LEU A 38 7.01 9.16 -21.16
N ILE A 39 7.63 8.24 -20.41
CA ILE A 39 7.28 6.82 -20.52
C ILE A 39 6.05 6.49 -19.66
N GLY A 40 5.91 7.14 -18.53
CA GLY A 40 4.86 6.83 -17.58
C GLY A 40 5.36 7.08 -16.17
N TYR A 41 4.56 6.67 -15.22
CA TYR A 41 4.94 6.77 -13.83
C TYR A 41 5.08 5.38 -13.23
N GLY A 42 5.89 5.29 -12.18
CA GLY A 42 6.00 4.06 -11.41
C GLY A 42 5.74 4.35 -9.96
N ASN A 43 4.84 3.59 -9.32
CA ASN A 43 4.50 3.80 -7.93
C ASN A 43 4.77 2.50 -7.16
N VAL A 44 5.55 2.61 -6.09
CA VAL A 44 5.88 1.45 -5.27
C VAL A 44 5.31 1.60 -3.87
N GLY A 45 4.33 2.48 -3.70
CA GLY A 45 3.77 2.76 -2.39
C GLY A 45 4.78 3.51 -1.54
N SER A 46 4.34 3.77 -0.30
CA SER A 46 5.02 4.63 0.67
C SER A 46 5.08 6.08 0.20
N GLY A 47 4.20 6.44 -0.74
CA GLY A 47 4.21 7.76 -1.32
C GLY A 47 5.26 7.98 -2.39
N LEU A 48 6.14 7.00 -2.64
CA LEU A 48 7.21 7.19 -3.60
C LEU A 48 6.67 6.96 -5.01
N VAL A 49 6.83 7.97 -5.85
CA VAL A 49 6.33 7.95 -7.22
C VAL A 49 7.46 8.39 -8.13
N THR A 50 7.63 7.70 -9.25
CA THR A 50 8.75 7.91 -10.13
C THR A 50 8.25 8.30 -11.51
N ALA A 51 8.73 9.44 -12.01
CA ALA A 51 8.52 9.84 -13.39
C ALA A 51 9.67 9.32 -14.23
N MET A 52 9.36 8.76 -15.40
CA MET A 52 10.35 8.13 -16.27
C MET A 52 10.27 8.71 -17.69
N VAL A 53 11.41 9.19 -18.20
CA VAL A 53 11.49 9.80 -19.52
C VAL A 53 12.56 9.09 -20.36
N LYS A 54 12.41 9.25 -21.68
CA LYS A 54 13.23 8.59 -22.70
C LYS A 54 13.76 9.64 -23.67
N GLY A 55 15.02 9.52 -24.06
CA GLY A 55 15.56 10.39 -25.09
C GLY A 55 17.06 10.16 -25.26
N ASP A 56 17.66 11.02 -26.09
CA ASP A 56 19.12 11.02 -26.22
C ASP A 56 19.73 11.53 -24.91
N VAL A 57 20.97 11.13 -24.64
CA VAL A 57 21.50 11.35 -23.29
C VAL A 57 21.64 12.84 -22.99
N GLY A 58 21.94 13.67 -23.97
CA GLY A 58 21.99 15.10 -23.73
C GLY A 58 20.64 15.67 -23.32
N ALA A 59 19.59 15.37 -24.09
CA ALA A 59 18.24 15.82 -23.73
C ALA A 59 17.82 15.29 -22.36
N VAL A 60 18.05 14.00 -22.10
CA VAL A 60 17.58 13.40 -20.85
C VAL A 60 18.26 14.03 -19.65
N ASN A 61 19.55 14.32 -19.78
CA ASN A 61 20.27 15.02 -18.71
C ASN A 61 19.71 16.41 -18.47
N ALA A 62 19.29 17.12 -19.54
CA ALA A 62 18.72 18.44 -19.33
C ALA A 62 17.31 18.34 -18.72
N ALA A 63 16.53 17.35 -19.15
CA ALA A 63 15.19 17.17 -18.59
C ALA A 63 15.26 16.87 -17.09
N VAL A 64 16.04 15.89 -16.70
CA VAL A 64 16.12 15.50 -15.29
C VAL A 64 16.62 16.67 -14.45
N ASP A 65 17.63 17.40 -14.93
CA ASP A 65 18.17 18.55 -14.21
C ASP A 65 17.08 19.53 -13.80
N SER A 66 16.23 19.95 -14.74
CA SER A 66 15.21 20.93 -14.40
C SER A 66 13.92 20.30 -13.87
N GLY A 67 13.68 19.02 -14.17
CA GLY A 67 12.66 18.28 -13.46
C GLY A 67 12.89 18.25 -11.95
N VAL A 68 14.14 18.05 -11.55
CA VAL A 68 14.48 18.02 -10.13
C VAL A 68 14.31 19.40 -9.53
N GLU A 69 14.72 20.44 -10.27
CA GLU A 69 14.57 21.82 -9.80
C GLU A 69 13.12 22.20 -9.61
N ALA A 70 12.26 21.82 -10.55
CA ALA A 70 10.83 22.09 -10.43
C ALA A 70 10.21 21.33 -9.25
N ALA A 71 10.47 20.01 -9.15
CA ALA A 71 9.85 19.22 -8.10
C ALA A 71 10.23 19.73 -6.71
N ARG A 72 11.50 20.12 -6.52
CA ARG A 72 11.96 20.55 -5.20
C ARG A 72 11.22 21.79 -4.70
N ARG A 73 10.73 22.64 -5.61
CA ARG A 73 9.88 23.75 -5.19
C ARG A 73 8.60 23.26 -4.53
N ILE A 74 8.01 22.19 -5.06
CA ILE A 74 6.74 21.67 -4.59
C ILE A 74 6.92 20.78 -3.38
N GLY A 75 7.95 19.94 -3.38
CA GLY A 75 8.07 18.90 -2.38
C GLY A 75 9.42 18.22 -2.31
N GLU A 76 9.40 16.92 -2.09
CA GLU A 76 10.59 16.14 -1.79
C GLU A 76 11.05 15.38 -3.03
N VAL A 77 12.27 15.66 -3.47
CA VAL A 77 12.92 14.84 -4.48
C VAL A 77 13.79 13.84 -3.72
N VAL A 78 13.44 12.57 -3.80
CA VAL A 78 14.15 11.57 -3.01
C VAL A 78 15.32 10.92 -3.77
N THR A 79 15.24 10.82 -5.11
CA THR A 79 16.32 10.29 -5.92
C THR A 79 16.06 10.61 -7.39
N SER A 80 17.15 10.65 -8.17
CA SER A 80 17.06 10.88 -9.61
C SER A 80 18.27 10.24 -10.30
N ARG A 81 18.09 9.94 -11.58
CA ARG A 81 19.15 9.21 -12.24
C ARG A 81 18.92 9.28 -13.74
N VAL A 82 20.03 9.33 -14.46
CA VAL A 82 20.05 9.16 -15.91
C VAL A 82 20.83 7.88 -16.20
N ILE A 83 20.23 6.99 -16.97
CA ILE A 83 20.92 5.81 -17.43
C ILE A 83 21.12 6.01 -18.93
N ALA A 84 22.36 6.26 -19.32
CA ALA A 84 22.62 6.63 -20.70
C ALA A 84 22.39 5.46 -21.65
N ARG A 85 22.58 4.23 -21.18
CA ARG A 85 22.43 3.05 -22.03
C ARG A 85 21.81 1.95 -21.19
N PRO A 86 20.50 1.97 -21.02
CA PRO A 86 19.84 0.97 -20.18
C PRO A 86 19.91 -0.43 -20.79
N HIS A 87 20.13 -1.42 -19.92
CA HIS A 87 20.25 -2.81 -20.35
C HIS A 87 18.88 -3.45 -20.59
N ASN A 88 17.87 -3.05 -19.83
CA ASN A 88 16.50 -3.47 -20.08
C ASN A 88 15.65 -2.27 -20.49
N GLU B 10 -5.74 22.56 -21.82
CA GLU B 10 -6.42 23.09 -20.65
C GLU B 10 -5.53 23.02 -19.42
N ALA B 11 -5.68 24.00 -18.52
CA ALA B 11 -4.87 23.98 -17.30
C ALA B 11 -5.33 22.85 -16.36
N LEU B 12 -4.42 22.49 -15.45
CA LEU B 12 -4.57 21.36 -14.55
C LEU B 12 -4.28 21.85 -13.15
N GLY B 13 -5.21 21.61 -12.23
CA GLY B 13 -5.07 21.95 -10.82
C GLY B 13 -5.00 20.67 -10.00
N LEU B 14 -4.15 20.68 -8.99
CA LEU B 14 -3.76 19.47 -8.26
C LEU B 14 -3.71 19.80 -6.78
N ILE B 15 -4.46 19.05 -5.99
CA ILE B 15 -4.38 19.15 -4.54
C ILE B 15 -4.14 17.76 -3.97
N GLU B 16 -3.08 17.62 -3.19
CA GLU B 16 -2.76 16.34 -2.56
C GLU B 16 -2.91 16.51 -1.06
N THR B 17 -3.67 15.60 -0.46
CA THR B 17 -3.97 15.63 0.96
C THR B 17 -3.58 14.31 1.60
N LYS B 18 -3.35 14.36 2.90
CA LYS B 18 -3.23 13.16 3.72
C LYS B 18 -4.64 12.71 4.10
N GLY B 19 -5.12 11.65 3.47
CA GLY B 19 -6.41 11.06 3.77
C GLY B 19 -7.44 11.34 2.68
N LEU B 20 -8.42 10.44 2.56
CA LEU B 20 -9.44 10.55 1.53
C LEU B 20 -10.49 11.63 1.80
N VAL B 21 -10.82 11.93 3.05
CA VAL B 21 -11.97 12.83 3.28
C VAL B 21 -11.59 14.26 2.94
N ALA B 22 -10.39 14.68 3.36
CA ALA B 22 -9.88 15.99 2.98
C ALA B 22 -9.84 16.15 1.47
N CYS B 23 -9.47 15.09 0.75
CA CYS B 23 -9.37 15.17 -0.69
C CYS B 23 -10.73 15.34 -1.35
N ILE B 24 -11.71 14.58 -0.88
CA ILE B 24 -13.07 14.74 -1.39
C ILE B 24 -13.57 16.14 -1.12
N GLU B 25 -13.25 16.67 0.06
CA GLU B 25 -13.61 18.05 0.41
C GLU B 25 -12.91 19.05 -0.51
N ALA B 26 -11.61 18.84 -0.75
CA ALA B 26 -10.90 19.71 -1.68
C ALA B 26 -11.54 19.70 -3.05
N ALA B 27 -11.90 18.51 -3.53
CA ALA B 27 -12.47 18.37 -4.87
C ALA B 27 -13.83 19.02 -4.95
N ASP B 28 -14.65 18.87 -3.90
CA ASP B 28 -15.94 19.53 -3.88
C ASP B 28 -15.81 21.05 -3.84
N ALA B 29 -14.85 21.57 -3.05
CA ALA B 29 -14.68 23.01 -2.95
C ALA B 29 -14.04 23.60 -4.22
N MET B 30 -13.17 22.82 -4.89
CA MET B 30 -12.63 23.27 -6.17
C MET B 30 -13.75 23.44 -7.19
N CYS B 31 -14.58 22.41 -7.34
CA CYS B 31 -15.62 22.44 -8.37
C CYS B 31 -16.73 23.43 -8.05
N ALA B 32 -16.90 23.77 -6.77
CA ALA B 32 -17.88 24.78 -6.40
C ALA B 32 -17.35 26.19 -6.61
N ALA B 33 -16.03 26.36 -6.57
CA ALA B 33 -15.50 27.72 -6.57
C ALA B 33 -15.42 28.32 -7.96
N ALA B 34 -15.24 27.51 -8.98
CA ALA B 34 -15.01 28.02 -10.32
C ALA B 34 -15.42 26.98 -11.35
N ASN B 35 -15.32 27.35 -12.62
CA ASN B 35 -15.81 26.48 -13.69
C ASN B 35 -14.75 25.47 -14.09
N VAL B 36 -14.43 24.58 -13.15
CA VAL B 36 -13.49 23.48 -13.42
C VAL B 36 -14.28 22.18 -13.41
N GLU B 37 -13.67 21.16 -14.01
CA GLU B 37 -14.26 19.84 -14.14
C GLU B 37 -13.34 18.82 -13.47
N LEU B 38 -13.91 18.04 -12.55
CA LEU B 38 -13.13 17.03 -11.84
C LEU B 38 -12.68 15.92 -12.78
N ILE B 39 -11.36 15.69 -12.85
CA ILE B 39 -10.82 14.62 -13.68
C ILE B 39 -10.89 13.28 -12.96
N GLY B 40 -10.74 13.28 -11.64
CA GLY B 40 -10.66 12.07 -10.86
C GLY B 40 -9.69 12.26 -9.73
N TYR B 41 -9.40 11.16 -9.04
CA TYR B 41 -8.42 11.14 -7.97
C TYR B 41 -7.23 10.29 -8.36
N GLY B 42 -6.08 10.58 -7.75
CA GLY B 42 -4.92 9.74 -7.89
C GLY B 42 -4.43 9.34 -6.51
N ASN B 43 -4.28 8.05 -6.26
CA ASN B 43 -3.83 7.54 -4.97
C ASN B 43 -2.53 6.77 -5.17
N VAL B 44 -1.50 7.15 -4.43
CA VAL B 44 -0.20 6.52 -4.53
C VAL B 44 0.18 5.82 -3.22
N GLY B 45 -0.81 5.53 -2.38
CA GLY B 45 -0.57 4.95 -1.07
C GLY B 45 0.07 5.95 -0.12
N SER B 46 0.33 5.46 1.10
CA SER B 46 0.78 6.26 2.24
C SER B 46 -0.27 7.28 2.70
N GLY B 47 -1.54 7.08 2.34
CA GLY B 47 -2.58 8.03 2.66
C GLY B 47 -2.66 9.23 1.76
N LEU B 48 -1.73 9.37 0.80
CA LEU B 48 -1.70 10.54 -0.07
C LEU B 48 -2.69 10.34 -1.22
N VAL B 49 -3.60 11.29 -1.38
CA VAL B 49 -4.63 11.26 -2.42
C VAL B 49 -4.68 12.61 -3.09
N THR B 50 -4.85 12.61 -4.42
CA THR B 50 -4.76 13.84 -5.19
C THR B 50 -6.05 14.06 -5.95
N ALA B 51 -6.64 15.23 -5.77
CA ALA B 51 -7.76 15.67 -6.60
C ALA B 51 -7.22 16.48 -7.78
N MET B 52 -7.71 16.18 -8.98
CA MET B 52 -7.22 16.81 -10.19
C MET B 52 -8.39 17.45 -10.93
N VAL B 53 -8.27 18.73 -11.27
CA VAL B 53 -9.31 19.45 -11.97
C VAL B 53 -8.76 20.07 -13.26
N LYS B 54 -9.68 20.33 -14.18
CA LYS B 54 -9.41 20.82 -15.53
C LYS B 54 -10.23 22.08 -15.77
N GLY B 55 -9.60 23.08 -16.40
CA GLY B 55 -10.32 24.27 -16.79
C GLY B 55 -9.37 25.31 -17.37
N ASP B 56 -9.92 26.50 -17.59
CA ASP B 56 -9.08 27.64 -17.96
C ASP B 56 -8.24 28.03 -16.75
N VAL B 57 -7.07 28.64 -17.00
CA VAL B 57 -6.11 28.82 -15.92
C VAL B 57 -6.65 29.75 -14.83
N GLY B 58 -7.46 30.75 -15.19
CA GLY B 58 -8.09 31.59 -14.17
C GLY B 58 -9.02 30.80 -13.27
N ALA B 59 -9.91 30.00 -13.86
CA ALA B 59 -10.79 29.16 -13.07
C ALA B 59 -9.99 28.20 -12.20
N VAL B 60 -9.00 27.51 -12.78
CA VAL B 60 -8.25 26.49 -12.03
C VAL B 60 -7.53 27.13 -10.85
N ASN B 61 -6.98 28.33 -11.05
CA ASN B 61 -6.35 29.05 -9.94
C ASN B 61 -7.35 29.39 -8.85
N ALA B 62 -8.59 29.75 -9.22
CA ALA B 62 -9.59 30.06 -8.21
C ALA B 62 -10.07 28.78 -7.52
N ALA B 63 -10.23 27.72 -8.29
CA ALA B 63 -10.64 26.42 -7.74
C ALA B 63 -9.61 25.90 -6.75
N VAL B 64 -8.35 25.83 -7.17
CA VAL B 64 -7.31 25.27 -6.30
C VAL B 64 -7.20 26.08 -5.01
N ASP B 65 -7.27 27.41 -5.11
CA ASP B 65 -7.18 28.28 -3.94
C ASP B 65 -8.19 27.91 -2.85
N SER B 66 -9.47 27.80 -3.19
CA SER B 66 -10.44 27.53 -2.13
C SER B 66 -10.57 26.05 -1.82
N GLY B 67 -10.19 25.18 -2.76
CA GLY B 67 -10.00 23.78 -2.41
C GLY B 67 -8.96 23.61 -1.32
N VAL B 68 -7.87 24.38 -1.39
CA VAL B 68 -6.82 24.29 -0.38
C VAL B 68 -7.33 24.84 0.94
N GLU B 69 -8.06 25.95 0.90
CA GLU B 69 -8.61 26.52 2.14
C GLU B 69 -9.60 25.55 2.79
N ALA B 70 -10.47 24.95 1.98
CA ALA B 70 -11.47 24.02 2.50
C ALA B 70 -10.83 22.78 3.11
N ALA B 71 -9.88 22.17 2.39
CA ALA B 71 -9.26 20.92 2.87
C ALA B 71 -8.57 21.12 4.21
N ARG B 72 -7.92 22.29 4.40
CA ARG B 72 -7.17 22.54 5.64
C ARG B 72 -8.06 22.55 6.87
N ARG B 73 -9.33 22.93 6.73
CA ARG B 73 -10.25 22.79 7.85
C ARG B 73 -10.39 21.34 8.27
N ILE B 74 -10.40 20.43 7.30
CA ILE B 74 -10.64 19.01 7.60
C ILE B 74 -9.35 18.31 8.01
N GLY B 75 -8.23 18.60 7.34
CA GLY B 75 -7.04 17.79 7.52
C GLY B 75 -5.75 18.39 6.99
N GLU B 76 -4.90 17.53 6.42
CA GLU B 76 -3.54 17.90 6.02
C GLU B 76 -3.50 18.10 4.51
N VAL B 77 -3.16 19.31 4.07
CA VAL B 77 -2.86 19.58 2.67
C VAL B 77 -1.35 19.49 2.51
N VAL B 78 -0.87 18.50 1.77
CA VAL B 78 0.57 18.31 1.70
C VAL B 78 1.21 19.08 0.53
N THR B 79 0.49 19.28 -0.57
CA THR B 79 1.01 20.09 -1.67
C THR B 79 -0.12 20.43 -2.63
N SER B 80 0.07 21.49 -3.40
CA SER B 80 -0.90 21.86 -4.42
C SER B 80 -0.16 22.57 -5.55
N ARG B 81 -0.80 22.56 -6.72
CA ARG B 81 -0.12 23.07 -7.90
C ARG B 81 -1.18 23.31 -8.97
N VAL B 82 -0.95 24.37 -9.74
CA VAL B 82 -1.61 24.65 -10.99
C VAL B 82 -0.56 24.57 -12.09
N ILE B 83 -0.84 23.80 -13.12
CA ILE B 83 0.01 23.70 -14.28
C ILE B 83 -0.78 24.33 -15.41
N ALA B 84 -0.32 25.50 -15.87
CA ALA B 84 -1.11 26.28 -16.82
C ALA B 84 -1.14 25.64 -18.21
N ARG B 85 -0.10 24.93 -18.60
CA ARG B 85 -0.03 24.32 -19.94
C ARG B 85 0.65 22.98 -19.82
N PRO B 86 -0.10 21.95 -19.42
CA PRO B 86 0.52 20.63 -19.25
C PRO B 86 0.93 20.05 -20.59
N HIS B 87 2.14 19.48 -20.62
CA HIS B 87 2.69 18.89 -21.84
C HIS B 87 2.20 17.47 -22.08
N ASN B 88 2.02 16.68 -21.02
CA ASN B 88 1.52 15.31 -21.14
C ASN B 88 0.12 15.19 -20.50
N ASP B 89 -0.31 13.95 -20.25
CA ASP B 89 -1.67 13.61 -19.78
C ASP B 89 -2.72 14.24 -20.70
N ARG C 9 -28.25 15.38 -5.73
CA ARG C 9 -29.41 15.84 -4.97
C ARG C 9 -29.56 15.11 -3.63
N GLU C 10 -28.48 14.47 -3.16
CA GLU C 10 -28.47 13.86 -1.82
C GLU C 10 -27.16 14.19 -1.14
N ALA C 11 -27.21 14.43 0.18
CA ALA C 11 -26.00 14.74 0.92
C ALA C 11 -25.12 13.50 1.09
N LEU C 12 -23.84 13.74 1.44
CA LEU C 12 -22.81 12.72 1.56
C LEU C 12 -22.22 12.84 2.96
N GLY C 13 -22.15 11.71 3.67
CA GLY C 13 -21.52 11.64 4.97
C GLY C 13 -20.26 10.80 4.86
N LEU C 14 -19.22 11.22 5.55
CA LEU C 14 -17.88 10.65 5.39
C LEU C 14 -17.26 10.49 6.76
N ILE C 15 -16.83 9.28 7.09
CA ILE C 15 -16.04 9.00 8.28
C ILE C 15 -14.80 8.22 7.87
N GLU C 16 -13.63 8.74 8.23
CA GLU C 16 -12.37 8.08 7.94
C GLU C 16 -11.72 7.64 9.25
N THR C 17 -11.32 6.37 9.31
CA THR C 17 -10.76 5.80 10.53
C THR C 17 -9.40 5.18 10.23
N LYS C 18 -8.59 5.04 11.27
CA LYS C 18 -7.38 4.23 11.20
C LYS C 18 -7.76 2.79 11.50
N GLY C 19 -7.82 1.96 10.46
CA GLY C 19 -8.11 0.54 10.59
C GLY C 19 -9.50 0.20 10.07
N LEU C 20 -9.64 -1.04 9.60
CA LEU C 20 -10.90 -1.48 8.99
C LEU C 20 -12.00 -1.71 10.02
N VAL C 21 -11.67 -2.12 11.25
CA VAL C 21 -12.73 -2.53 12.17
C VAL C 21 -13.48 -1.31 12.70
N ALA C 22 -12.74 -0.25 13.06
CA ALA C 22 -13.40 1.00 13.45
C ALA C 22 -14.30 1.53 12.35
N CYS C 23 -13.90 1.36 11.09
CA CYS C 23 -14.67 1.87 9.98
C CYS C 23 -15.99 1.13 9.81
N ILE C 24 -15.93 -0.21 9.91
CA ILE C 24 -17.15 -1.03 9.86
C ILE C 24 -18.09 -0.66 11.00
N GLU C 25 -17.53 -0.38 12.19
CA GLU C 25 -18.34 0.08 13.31
C GLU C 25 -18.97 1.43 13.01
N ALA C 26 -18.18 2.36 12.46
CA ALA C 26 -18.74 3.66 12.09
C ALA C 26 -19.85 3.48 11.08
N ALA C 27 -19.63 2.63 10.08
CA ALA C 27 -20.63 2.43 9.04
C ALA C 27 -21.90 1.81 9.58
N ASP C 28 -21.78 0.83 10.48
CA ASP C 28 -22.96 0.21 11.07
C ASP C 28 -23.75 1.21 11.93
N ALA C 29 -23.04 2.05 12.69
CA ALA C 29 -23.70 3.04 13.52
C ALA C 29 -24.30 4.17 12.69
N MET C 30 -23.70 4.51 11.55
CA MET C 30 -24.34 5.48 10.66
C MET C 30 -25.68 4.95 10.18
N CYS C 31 -25.70 3.70 9.68
CA CYS C 31 -26.93 3.12 9.15
C CYS C 31 -27.95 2.81 10.24
N ALA C 32 -27.50 2.65 11.49
CA ALA C 32 -28.43 2.45 12.58
C ALA C 32 -29.05 3.74 13.05
N ALA C 33 -28.36 4.88 12.87
CA ALA C 33 -28.79 6.12 13.49
C ALA C 33 -29.88 6.84 12.70
N ALA C 34 -29.88 6.72 11.38
CA ALA C 34 -30.77 7.52 10.57
C ALA C 34 -30.99 6.83 9.22
N ASN C 35 -31.83 7.46 8.41
CA ASN C 35 -32.22 6.86 7.14
C ASN C 35 -31.19 7.20 6.07
N VAL C 36 -29.97 6.68 6.27
CA VAL C 36 -28.90 6.87 5.30
C VAL C 36 -28.62 5.52 4.68
N GLU C 37 -28.00 5.55 3.52
CA GLU C 37 -27.69 4.34 2.77
C GLU C 37 -26.18 4.28 2.57
N LEU C 38 -25.57 3.16 2.96
CA LEU C 38 -24.13 2.98 2.82
C LEU C 38 -23.76 2.90 1.34
N ILE C 39 -22.85 3.78 0.91
CA ILE C 39 -22.40 3.77 -0.48
C ILE C 39 -21.30 2.72 -0.68
N GLY C 40 -20.48 2.49 0.32
CA GLY C 40 -19.33 1.63 0.22
C GLY C 40 -18.21 2.17 1.09
N TYR C 41 -17.03 1.58 0.96
CA TYR C 41 -15.86 2.06 1.66
C TYR C 41 -14.81 2.58 0.68
N GLY C 42 -13.97 3.47 1.17
CA GLY C 42 -12.84 3.95 0.41
C GLY C 42 -11.57 3.79 1.21
N ASN C 43 -10.57 3.14 0.63
CA ASN C 43 -9.31 2.86 1.28
C ASN C 43 -8.20 3.49 0.47
N VAL C 44 -7.37 4.31 1.11
CA VAL C 44 -6.26 4.94 0.42
C VAL C 44 -4.92 4.44 0.96
N GLY C 45 -4.93 3.30 1.65
CA GLY C 45 -3.73 2.78 2.28
C GLY C 45 -3.32 3.64 3.47
N SER C 46 -2.22 3.22 4.08
CA SER C 46 -1.71 3.75 5.34
C SER C 46 -2.66 3.47 6.50
N GLY C 47 -3.54 2.48 6.36
CA GLY C 47 -4.55 2.16 7.35
C GLY C 47 -5.80 3.02 7.33
N LEU C 48 -5.84 4.07 6.49
CA LEU C 48 -6.97 5.00 6.44
C LEU C 48 -8.09 4.42 5.58
N VAL C 49 -9.27 4.30 6.15
CA VAL C 49 -10.40 3.75 5.41
C VAL C 49 -11.64 4.57 5.75
N THR C 50 -12.46 4.81 4.75
CA THR C 50 -13.54 5.79 4.83
C THR C 50 -14.89 5.11 4.60
N ALA C 51 -15.82 5.30 5.54
CA ALA C 51 -17.21 4.91 5.32
C ALA C 51 -17.96 6.09 4.72
N MET C 52 -18.76 5.84 3.68
CA MET C 52 -19.45 6.89 2.96
C MET C 52 -20.96 6.58 2.93
N VAL C 53 -21.78 7.56 3.34
CA VAL C 53 -23.23 7.37 3.39
C VAL C 53 -23.94 8.43 2.56
N LYS C 54 -25.19 8.10 2.20
CA LYS C 54 -26.04 8.92 1.34
C LYS C 54 -27.39 9.15 2.00
N GLY C 55 -27.90 10.37 1.96
CA GLY C 55 -29.25 10.61 2.44
C GLY C 55 -29.57 12.09 2.47
N ASP C 56 -30.75 12.41 3.05
CA ASP C 56 -31.07 13.80 3.25
C ASP C 56 -30.14 14.38 4.32
N VAL C 57 -29.92 15.69 4.24
CA VAL C 57 -28.85 16.31 5.03
C VAL C 57 -29.11 16.17 6.52
N GLY C 58 -30.37 16.20 6.94
CA GLY C 58 -30.68 15.95 8.33
C GLY C 58 -30.31 14.55 8.77
N ALA C 59 -30.74 13.55 7.99
CA ALA C 59 -30.37 12.18 8.29
C ALA C 59 -28.85 12.00 8.28
N VAL C 60 -28.17 12.54 7.27
CA VAL C 60 -26.73 12.31 7.14
C VAL C 60 -25.98 12.91 8.32
N ASN C 61 -26.40 14.10 8.75
CA ASN C 61 -25.81 14.72 9.94
C ASN C 61 -26.05 13.86 11.17
N ALA C 62 -27.23 13.24 11.29
CA ALA C 62 -27.48 12.41 12.47
C ALA C 62 -26.67 11.13 12.40
N ALA C 63 -26.59 10.52 11.22
CA ALA C 63 -25.81 9.29 11.06
C ALA C 63 -24.34 9.53 11.35
N VAL C 64 -23.74 10.53 10.71
CA VAL C 64 -22.31 10.80 10.91
C VAL C 64 -22.00 11.07 12.37
N ASP C 65 -22.86 11.86 13.03
CA ASP C 65 -22.68 12.18 14.45
C ASP C 65 -22.50 10.92 15.31
N SER C 66 -23.41 9.96 15.18
CA SER C 66 -23.26 8.79 16.04
C SER C 66 -22.33 7.74 15.44
N GLY C 67 -22.15 7.73 14.13
CA GLY C 67 -21.07 6.93 13.55
C GLY C 67 -19.71 7.27 14.15
N VAL C 68 -19.46 8.56 14.36
CA VAL C 68 -18.19 9.01 14.94
C VAL C 68 -18.08 8.58 16.40
N GLU C 69 -19.18 8.70 17.17
CA GLU C 69 -19.14 8.31 18.57
C GLU C 69 -18.84 6.82 18.73
N ALA C 70 -19.50 5.99 17.93
CA ALA C 70 -19.27 4.55 18.00
C ALA C 70 -17.83 4.19 17.62
N ALA C 71 -17.33 4.74 16.52
CA ALA C 71 -15.97 4.41 16.06
C ALA C 71 -14.92 4.82 17.09
N ARG C 72 -15.11 5.98 17.74
CA ARG C 72 -14.10 6.47 18.69
C ARG C 72 -13.91 5.52 19.86
N ARG C 73 -14.95 4.77 20.23
CA ARG C 73 -14.79 3.72 21.23
C ARG C 73 -13.82 2.65 20.75
N ILE C 74 -13.90 2.29 19.47
CA ILE C 74 -13.11 1.16 18.96
C ILE C 74 -11.70 1.60 18.61
N GLY C 75 -11.55 2.78 18.04
CA GLY C 75 -10.26 3.17 17.52
C GLY C 75 -10.14 4.64 17.20
N GLU C 76 -9.44 4.95 16.12
CA GLU C 76 -9.07 6.31 15.80
C GLU C 76 -10.01 6.81 14.70
N VAL C 77 -10.74 7.89 14.98
CA VAL C 77 -11.45 8.62 13.94
C VAL C 77 -10.54 9.78 13.54
N VAL C 78 -10.04 9.75 12.31
CA VAL C 78 -9.07 10.76 11.89
C VAL C 78 -9.73 11.99 11.25
N THR C 79 -10.92 11.84 10.64
CA THR C 79 -11.65 12.98 10.07
C THR C 79 -13.07 12.55 9.72
N SER C 80 -13.97 13.53 9.65
CA SER C 80 -15.36 13.30 9.26
C SER C 80 -15.93 14.56 8.62
N ARG C 81 -16.96 14.37 7.81
CA ARG C 81 -17.50 15.49 7.03
C ARG C 81 -18.87 15.11 6.53
N VAL C 82 -19.74 16.10 6.49
CA VAL C 82 -21.02 16.06 5.81
C VAL C 82 -20.94 17.10 4.68
N ILE C 83 -21.26 16.67 3.47
CA ILE C 83 -21.33 17.58 2.33
C ILE C 83 -22.79 17.63 1.89
N ALA C 84 -23.46 18.74 2.19
CA ALA C 84 -24.91 18.78 2.02
C ALA C 84 -25.34 18.76 0.55
N ARG C 85 -24.53 19.29 -0.35
CA ARG C 85 -24.87 19.35 -1.77
C ARG C 85 -23.61 19.10 -2.58
N PRO C 86 -23.24 17.84 -2.73
CA PRO C 86 -21.98 17.51 -3.43
C PRO C 86 -22.05 17.81 -4.92
N HIS C 87 -20.95 18.34 -5.43
CA HIS C 87 -20.86 18.72 -6.85
C HIS C 87 -20.53 17.52 -7.74
N ASN C 88 -19.70 16.60 -7.28
CA ASN C 88 -19.34 15.42 -8.06
C ASN C 88 -19.88 14.14 -7.38
N ASP C 89 -19.50 12.98 -7.92
CA ASP C 89 -19.95 11.66 -7.44
C ASP C 89 -21.48 11.57 -7.55
N ARG D 9 -28.26 -11.51 8.26
CA ARG D 9 -29.13 -12.01 9.32
C ARG D 9 -28.37 -12.78 10.40
N GLU D 10 -27.05 -12.56 10.47
CA GLU D 10 -26.16 -13.26 11.40
C GLU D 10 -25.17 -12.27 12.00
N ALA D 11 -24.75 -12.53 13.23
CA ALA D 11 -23.80 -11.64 13.88
C ALA D 11 -22.41 -11.75 13.21
N LEU D 12 -21.59 -10.72 13.43
CA LEU D 12 -20.30 -10.56 12.77
C LEU D 12 -19.25 -10.33 13.83
N GLY D 13 -18.17 -11.11 13.77
CA GLY D 13 -17.02 -10.93 14.65
C GLY D 13 -15.83 -10.49 13.84
N LEU D 14 -15.05 -9.58 14.40
CA LEU D 14 -14.01 -8.88 13.66
C LEU D 14 -12.77 -8.84 14.51
N ILE D 15 -11.64 -9.33 13.99
CA ILE D 15 -10.38 -9.17 14.68
C ILE D 15 -9.37 -8.59 13.71
N GLU D 16 -8.77 -7.46 14.08
CA GLU D 16 -7.78 -6.80 13.25
C GLU D 16 -6.42 -6.90 13.92
N THR D 17 -5.43 -7.32 13.16
CA THR D 17 -4.08 -7.59 13.66
C THR D 17 -3.06 -6.82 12.85
N LYS D 18 -1.90 -6.60 13.47
CA LYS D 18 -0.73 -6.12 12.76
C LYS D 18 -0.01 -7.34 12.19
N GLY D 19 -0.12 -7.55 10.89
CA GLY D 19 0.58 -8.63 10.24
C GLY D 19 -0.37 -9.75 9.83
N LEU D 20 0.02 -10.48 8.79
CA LEU D 20 -0.83 -11.54 8.26
C LEU D 20 -0.83 -12.77 9.14
N VAL D 21 0.28 -13.09 9.83
CA VAL D 21 0.35 -14.38 10.53
C VAL D 21 -0.52 -14.36 11.77
N ALA D 22 -0.51 -13.25 12.53
CA ALA D 22 -1.41 -13.11 13.66
C ALA D 22 -2.87 -13.25 13.24
N CYS D 23 -3.22 -12.74 12.06
CA CYS D 23 -4.61 -12.78 11.62
C CYS D 23 -5.07 -14.19 11.28
N ILE D 24 -4.21 -14.96 10.57
CA ILE D 24 -4.52 -16.35 10.25
C ILE D 24 -4.72 -17.15 11.52
N GLU D 25 -3.87 -16.91 12.53
CA GLU D 25 -4.03 -17.55 13.83
C GLU D 25 -5.33 -17.12 14.51
N ALA D 26 -5.66 -15.82 14.49
CA ALA D 26 -6.93 -15.41 15.07
C ALA D 26 -8.08 -16.12 14.37
N ALA D 27 -8.02 -16.19 13.04
CA ALA D 27 -9.11 -16.79 12.28
C ALA D 27 -9.20 -18.27 12.55
N ASP D 28 -8.06 -18.95 12.66
CA ASP D 28 -8.05 -20.37 13.01
C ASP D 28 -8.61 -20.58 14.41
N ALA D 29 -8.23 -19.70 15.36
CA ALA D 29 -8.67 -19.86 16.74
C ALA D 29 -10.15 -19.52 16.92
N MET D 30 -10.66 -18.57 16.13
CA MET D 30 -12.09 -18.28 16.17
C MET D 30 -12.90 -19.49 15.72
N CYS D 31 -12.53 -20.08 14.58
CA CYS D 31 -13.31 -21.17 14.01
C CYS D 31 -13.18 -22.46 14.80
N ALA D 32 -12.10 -22.63 15.57
CA ALA D 32 -11.96 -23.78 16.45
C ALA D 32 -12.72 -23.60 17.74
N ALA D 33 -12.95 -22.35 18.16
CA ALA D 33 -13.52 -22.12 19.48
C ALA D 33 -15.04 -22.24 19.51
N ALA D 34 -15.72 -21.95 18.40
CA ALA D 34 -17.17 -21.94 18.40
C ALA D 34 -17.68 -22.19 16.99
N ASN D 35 -19.01 -22.26 16.86
CA ASN D 35 -19.64 -22.63 15.59
C ASN D 35 -19.78 -21.38 14.71
N VAL D 36 -18.64 -20.80 14.34
CA VAL D 36 -18.61 -19.66 13.47
C VAL D 36 -18.00 -20.07 12.15
N GLU D 37 -18.29 -19.27 11.13
CA GLU D 37 -17.85 -19.52 9.77
C GLU D 37 -17.02 -18.35 9.31
N LEU D 38 -15.83 -18.65 8.81
CA LEU D 38 -14.93 -17.60 8.33
C LEU D 38 -15.51 -16.97 7.07
N ILE D 39 -15.68 -15.64 7.09
CA ILE D 39 -16.18 -14.93 5.91
C ILE D 39 -15.04 -14.60 4.94
N GLY D 40 -13.86 -14.34 5.46
CA GLY D 40 -12.73 -13.93 4.66
C GLY D 40 -11.89 -12.96 5.47
N TYR D 41 -10.89 -12.40 4.83
CA TYR D 41 -10.03 -11.39 5.43
C TYR D 41 -10.22 -10.06 4.71
N GLY D 42 -9.90 -8.99 5.42
CA GLY D 42 -9.87 -7.66 4.84
C GLY D 42 -8.54 -6.98 5.09
N ASN D 43 -7.92 -6.47 4.03
CA ASN D 43 -6.63 -5.81 4.16
C ASN D 43 -6.76 -4.37 3.69
N VAL D 44 -6.35 -3.43 4.55
CA VAL D 44 -6.39 -2.02 4.24
C VAL D 44 -4.99 -1.41 4.20
N GLY D 45 -3.96 -2.25 4.07
CA GLY D 45 -2.60 -1.78 4.10
C GLY D 45 -2.19 -1.32 5.49
N SER D 46 -0.94 -0.86 5.58
CA SER D 46 -0.25 -0.53 6.83
C SER D 46 -0.05 -1.77 7.71
N GLY D 47 -0.10 -2.95 7.09
CA GLY D 47 0.00 -4.19 7.83
C GLY D 47 -1.25 -4.63 8.55
N LEU D 48 -2.31 -3.81 8.54
CA LEU D 48 -3.52 -4.13 9.28
C LEU D 48 -4.36 -5.13 8.48
N VAL D 49 -4.66 -6.28 9.08
CA VAL D 49 -5.40 -7.35 8.45
C VAL D 49 -6.51 -7.77 9.39
N THR D 50 -7.70 -7.97 8.84
CA THR D 50 -8.88 -8.24 9.65
C THR D 50 -9.47 -9.58 9.24
N ALA D 51 -9.63 -10.47 10.22
CA ALA D 51 -10.40 -11.69 10.04
C ALA D 51 -11.85 -11.41 10.43
N MET D 52 -12.78 -11.93 9.61
CA MET D 52 -14.21 -11.70 9.80
C MET D 52 -14.92 -13.05 9.82
N VAL D 53 -15.71 -13.28 10.86
CA VAL D 53 -16.45 -14.53 11.05
C VAL D 53 -17.93 -14.22 11.21
N LYS D 54 -18.75 -15.25 10.94
CA LYS D 54 -20.20 -15.17 10.94
C LYS D 54 -20.78 -16.26 11.83
N GLY D 55 -21.80 -15.90 12.61
CA GLY D 55 -22.51 -16.89 13.39
C GLY D 55 -23.54 -16.22 14.29
N ASP D 56 -24.17 -17.04 15.15
CA ASP D 56 -25.05 -16.52 16.18
C ASP D 56 -24.23 -15.76 17.22
N VAL D 57 -24.88 -14.82 17.92
CA VAL D 57 -24.09 -13.87 18.71
C VAL D 57 -23.36 -14.57 19.86
N GLY D 58 -23.93 -15.65 20.42
CA GLY D 58 -23.22 -16.40 21.45
C GLY D 58 -21.94 -17.04 20.94
N ALA D 59 -22.02 -17.79 19.83
CA ALA D 59 -20.84 -18.38 19.22
C ALA D 59 -19.83 -17.32 18.79
N VAL D 60 -20.29 -16.25 18.13
CA VAL D 60 -19.38 -15.22 17.64
C VAL D 60 -18.63 -14.56 18.79
N ASN D 61 -19.34 -14.30 19.90
CA ASN D 61 -18.68 -13.75 21.08
C ASN D 61 -17.61 -14.70 21.61
N ALA D 62 -17.87 -16.01 21.59
CA ALA D 62 -16.85 -16.95 22.08
C ALA D 62 -15.70 -17.07 21.11
N ALA D 63 -15.97 -17.05 19.80
CA ALA D 63 -14.90 -17.13 18.81
C ALA D 63 -13.95 -15.94 18.92
N VAL D 64 -14.50 -14.73 18.94
CA VAL D 64 -13.65 -13.55 19.01
C VAL D 64 -12.80 -13.57 20.28
N ASP D 65 -13.42 -13.90 21.43
CA ASP D 65 -12.69 -13.93 22.69
C ASP D 65 -11.40 -14.71 22.60
N SER D 66 -11.48 -15.96 22.13
CA SER D 66 -10.29 -16.78 22.06
C SER D 66 -9.47 -16.54 20.81
N GLY D 67 -10.08 -16.03 19.73
CA GLY D 67 -9.29 -15.50 18.64
C GLY D 67 -8.33 -14.41 19.06
N VAL D 68 -8.79 -13.51 19.94
CA VAL D 68 -7.93 -12.43 20.42
C VAL D 68 -6.83 -12.97 21.33
N GLU D 69 -7.17 -13.95 22.20
CA GLU D 69 -6.17 -14.56 23.07
C GLU D 69 -5.09 -15.28 22.27
N ALA D 70 -5.48 -16.01 21.24
CA ALA D 70 -4.51 -16.70 20.40
C ALA D 70 -3.60 -15.71 19.66
N ALA D 71 -4.20 -14.70 19.00
CA ALA D 71 -3.41 -13.76 18.22
C ALA D 71 -2.41 -13.00 19.09
N ARG D 72 -2.83 -12.60 20.30
CA ARG D 72 -1.96 -11.78 21.14
C ARG D 72 -0.67 -12.49 21.50
N ARG D 73 -0.69 -13.82 21.59
CA ARG D 73 0.55 -14.56 21.78
C ARG D 73 1.49 -14.35 20.60
N ILE D 74 0.95 -14.27 19.38
CA ILE D 74 1.77 -14.19 18.17
C ILE D 74 2.21 -12.75 17.90
N GLY D 75 1.34 -11.78 18.12
CA GLY D 75 1.61 -10.44 17.65
C GLY D 75 0.73 -9.35 18.24
N GLU D 76 0.34 -8.38 17.41
CA GLU D 76 -0.39 -7.22 17.86
C GLU D 76 -1.87 -7.38 17.50
N VAL D 77 -2.74 -7.38 18.50
CA VAL D 77 -4.18 -7.26 18.26
C VAL D 77 -4.52 -5.80 18.42
N VAL D 78 -4.88 -5.14 17.32
CA VAL D 78 -5.10 -3.70 17.36
C VAL D 78 -6.55 -3.32 17.70
N THR D 79 -7.53 -4.14 17.33
CA THR D 79 -8.94 -3.90 17.70
C THR D 79 -9.75 -5.13 17.38
N SER D 80 -10.89 -5.27 18.07
CA SER D 80 -11.82 -6.36 17.82
C SER D 80 -13.24 -5.92 18.15
N ARG D 81 -14.20 -6.65 17.59
CA ARG D 81 -15.58 -6.25 17.75
C ARG D 81 -16.49 -7.40 17.37
N VAL D 82 -17.62 -7.46 18.07
CA VAL D 82 -18.77 -8.29 17.73
C VAL D 82 -19.92 -7.33 17.42
N ILE D 83 -20.53 -7.49 16.25
CA ILE D 83 -21.71 -6.73 15.88
C ILE D 83 -22.87 -7.71 15.86
N ALA D 84 -23.75 -7.60 16.86
CA ALA D 84 -24.77 -8.61 17.04
C ALA D 84 -25.79 -8.60 15.91
N ARG D 85 -26.06 -7.44 15.33
CA ARG D 85 -27.07 -7.28 14.28
C ARG D 85 -26.60 -6.27 13.25
N PRO D 86 -25.77 -6.69 12.30
CA PRO D 86 -25.23 -5.75 11.31
C PRO D 86 -26.29 -5.20 10.35
N HIS D 87 -26.18 -3.91 10.06
CA HIS D 87 -27.13 -3.29 9.13
C HIS D 87 -26.73 -3.51 7.68
N ASN D 88 -25.45 -3.49 7.39
CA ASN D 88 -24.96 -3.71 6.04
C ASN D 88 -24.13 -4.98 6.04
N ASP D 89 -23.47 -5.24 4.91
CA ASP D 89 -22.65 -6.45 4.71
C ASP D 89 -23.51 -7.70 4.88
N GLU E 10 -3.50 -31.16 6.28
CA GLU E 10 -2.05 -31.01 6.40
C GLU E 10 -1.72 -29.79 7.23
N ALA E 11 -0.61 -29.86 7.96
CA ALA E 11 -0.19 -28.73 8.79
C ALA E 11 0.28 -27.56 7.91
N LEU E 12 0.31 -26.39 8.53
CA LEU E 12 0.60 -25.14 7.85
C LEU E 12 1.69 -24.43 8.61
N GLY E 13 2.76 -24.04 7.91
CA GLY E 13 3.86 -23.27 8.48
C GLY E 13 3.88 -21.88 7.86
N LEU E 14 4.18 -20.87 8.70
CA LEU E 14 4.01 -19.47 8.34
C LEU E 14 5.19 -18.69 8.88
N ILE E 15 5.90 -17.98 8.02
CA ILE E 15 6.94 -17.06 8.45
C ILE E 15 6.67 -15.71 7.79
N GLU E 16 6.58 -14.66 8.59
CA GLU E 16 6.36 -13.30 8.08
C GLU E 16 7.61 -12.48 8.32
N THR E 17 8.08 -11.79 7.29
CA THR E 17 9.30 -11.00 7.35
C THR E 17 9.05 -9.56 6.92
N LYS E 18 9.93 -8.66 7.36
CA LYS E 18 10.00 -7.31 6.82
C LYS E 18 10.87 -7.35 5.56
N GLY E 19 10.24 -7.27 4.40
CA GLY E 19 10.91 -7.25 3.13
C GLY E 19 10.73 -8.55 2.37
N LEU E 20 10.78 -8.46 1.04
CA LEU E 20 10.55 -9.63 0.21
C LEU E 20 11.75 -10.58 0.21
N VAL E 21 12.97 -10.07 0.37
CA VAL E 21 14.15 -10.92 0.18
C VAL E 21 14.33 -11.87 1.36
N ALA E 22 14.15 -11.36 2.58
CA ALA E 22 14.15 -12.22 3.75
C ALA E 22 13.10 -13.33 3.62
N CYS E 23 11.95 -13.01 3.01
CA CYS E 23 10.89 -14.01 2.88
C CYS E 23 11.26 -15.11 1.87
N ILE E 24 11.85 -14.72 0.73
CA ILE E 24 12.26 -15.70 -0.26
C ILE E 24 13.27 -16.65 0.34
N GLU E 25 14.18 -16.12 1.16
CA GLU E 25 15.18 -16.92 1.87
C GLU E 25 14.51 -17.84 2.89
N ALA E 26 13.55 -17.30 3.66
CA ALA E 26 12.83 -18.15 4.59
C ALA E 26 12.16 -19.30 3.85
N ALA E 27 11.52 -19.00 2.72
CA ALA E 27 10.83 -20.03 1.96
C ALA E 27 11.80 -21.05 1.39
N ASP E 28 12.93 -20.58 0.88
CA ASP E 28 13.94 -21.50 0.36
C ASP E 28 14.49 -22.38 1.47
N ALA E 29 14.71 -21.81 2.66
CA ALA E 29 15.24 -22.58 3.77
C ALA E 29 14.21 -23.54 4.34
N MET E 30 12.92 -23.18 4.31
CA MET E 30 11.86 -24.10 4.73
C MET E 30 11.83 -25.33 3.84
N CYS E 31 11.79 -25.11 2.52
CA CYS E 31 11.69 -26.23 1.59
C CYS E 31 12.97 -27.06 1.51
N ALA E 32 14.12 -26.50 1.89
CA ALA E 32 15.36 -27.26 1.92
C ALA E 32 15.50 -28.10 3.19
N ALA E 33 14.85 -27.67 4.28
CA ALA E 33 15.07 -28.29 5.58
C ALA E 33 14.23 -29.53 5.79
N ALA E 34 13.05 -29.60 5.18
CA ALA E 34 12.18 -30.74 5.41
C ALA E 34 11.23 -30.88 4.23
N ASN E 35 10.42 -31.93 4.28
CA ASN E 35 9.55 -32.31 3.17
C ASN E 35 8.23 -31.52 3.24
N VAL E 36 8.36 -30.20 3.07
CA VAL E 36 7.21 -29.31 3.01
C VAL E 36 7.08 -28.81 1.58
N GLU E 37 5.89 -28.30 1.26
CA GLU E 37 5.58 -27.82 -0.08
C GLU E 37 5.20 -26.34 0.04
N LEU E 38 5.88 -25.49 -0.72
CA LEU E 38 5.59 -24.06 -0.69
C LEU E 38 4.20 -23.81 -1.27
N ILE E 39 3.33 -23.16 -0.50
CA ILE E 39 1.99 -22.84 -0.99
C ILE E 39 1.99 -21.55 -1.81
N GLY E 40 2.82 -20.57 -1.43
CA GLY E 40 2.81 -19.27 -2.03
C GLY E 40 3.19 -18.23 -1.00
N TYR E 41 3.07 -16.97 -1.39
CA TYR E 41 3.31 -15.86 -0.48
C TYR E 41 2.03 -15.06 -0.24
N GLY E 42 2.00 -14.36 0.90
CA GLY E 42 0.95 -13.41 1.18
C GLY E 42 1.54 -12.06 1.54
N ASN E 43 1.11 -11.02 0.85
CA ASN E 43 1.58 -9.66 1.11
C ASN E 43 0.41 -8.79 1.52
N VAL E 44 0.54 -8.10 2.65
CA VAL E 44 -0.46 -7.20 3.18
C VAL E 44 0.05 -5.76 3.23
N GLY E 45 1.08 -5.46 2.45
CA GLY E 45 1.70 -4.14 2.45
C GLY E 45 2.42 -3.90 3.77
N SER E 46 2.99 -2.69 3.86
CA SER E 46 3.84 -2.28 4.98
C SER E 46 5.16 -3.07 5.03
N GLY E 47 5.56 -3.68 3.91
CA GLY E 47 6.76 -4.50 3.87
C GLY E 47 6.59 -5.91 4.39
N LEU E 48 5.40 -6.26 4.92
CA LEU E 48 5.18 -7.56 5.54
C LEU E 48 4.84 -8.61 4.46
N VAL E 49 5.62 -9.68 4.42
CA VAL E 49 5.41 -10.76 3.46
C VAL E 49 5.49 -12.08 4.22
N THR E 50 4.64 -13.02 3.85
CA THR E 50 4.51 -14.28 4.56
C THR E 50 4.77 -15.42 3.60
N ALA E 51 5.71 -16.29 3.96
CA ALA E 51 5.89 -17.55 3.24
C ALA E 51 5.06 -18.63 3.91
N MET E 52 4.37 -19.43 3.10
CA MET E 52 3.46 -20.45 3.63
C MET E 52 3.82 -21.82 3.07
N VAL E 53 3.99 -22.81 3.97
CA VAL E 53 4.33 -24.16 3.59
C VAL E 53 3.32 -25.15 4.15
N LYS E 54 3.26 -26.32 3.50
CA LYS E 54 2.31 -27.38 3.77
C LYS E 54 3.05 -28.69 3.99
N GLY E 55 2.65 -29.44 5.00
CA GLY E 55 3.21 -30.76 5.20
C GLY E 55 2.72 -31.38 6.48
N ASP E 56 3.33 -32.52 6.82
CA ASP E 56 3.10 -33.14 8.11
C ASP E 56 3.70 -32.27 9.22
N VAL E 57 3.15 -32.37 10.42
CA VAL E 57 3.51 -31.39 11.45
C VAL E 57 4.99 -31.49 11.81
N GLY E 58 5.56 -32.70 11.75
CA GLY E 58 6.99 -32.84 12.01
C GLY E 58 7.84 -32.09 11.00
N ALA E 59 7.58 -32.33 9.71
CA ALA E 59 8.29 -31.61 8.65
C ALA E 59 8.07 -30.10 8.78
N VAL E 60 6.82 -29.68 9.02
CA VAL E 60 6.53 -28.26 9.04
C VAL E 60 7.23 -27.57 10.20
N ASN E 61 7.27 -28.23 11.35
CA ASN E 61 8.00 -27.66 12.49
C ASN E 61 9.49 -27.55 12.19
N ALA E 62 10.05 -28.52 11.46
CA ALA E 62 11.48 -28.47 11.13
C ALA E 62 11.75 -27.42 10.06
N ALA E 63 10.85 -27.30 9.08
CA ALA E 63 11.01 -26.29 8.04
C ALA E 63 10.94 -24.87 8.61
N VAL E 64 9.90 -24.58 9.39
CA VAL E 64 9.75 -23.24 9.95
C VAL E 64 10.97 -22.88 10.80
N ASP E 65 11.43 -23.82 11.64
CA ASP E 65 12.57 -23.59 12.52
C ASP E 65 13.79 -23.07 11.75
N SER E 66 14.16 -23.75 10.69
CA SER E 66 15.34 -23.29 9.97
C SER E 66 15.02 -22.21 8.95
N GLY E 67 13.78 -22.11 8.49
CA GLY E 67 13.36 -20.91 7.76
C GLY E 67 13.54 -19.64 8.57
N VAL E 68 13.21 -19.69 9.86
CA VAL E 68 13.37 -18.53 10.73
C VAL E 68 14.84 -18.23 10.98
N GLU E 69 15.67 -19.26 11.17
CA GLU E 69 17.10 -19.03 11.40
C GLU E 69 17.77 -18.39 10.18
N ALA E 70 17.47 -18.92 8.98
CA ALA E 70 18.03 -18.36 7.77
C ALA E 70 17.57 -16.92 7.53
N ALA E 71 16.26 -16.66 7.67
CA ALA E 71 15.75 -15.32 7.42
C ALA E 71 16.40 -14.29 8.33
N ARG E 72 16.63 -14.66 9.60
CA ARG E 72 17.19 -13.71 10.56
C ARG E 72 18.60 -13.27 10.17
N ARG E 73 19.34 -14.12 9.45
CA ARG E 73 20.63 -13.68 8.91
C ARG E 73 20.45 -12.53 7.94
N ILE E 74 19.39 -12.55 7.13
CA ILE E 74 19.17 -11.56 6.08
C ILE E 74 18.47 -10.30 6.60
N GLY E 75 17.47 -10.44 7.47
CA GLY E 75 16.62 -9.32 7.80
C GLY E 75 15.73 -9.49 9.02
N GLU E 76 14.51 -8.97 8.95
CA GLU E 76 13.60 -8.92 10.09
C GLU E 76 12.57 -10.04 9.94
N VAL E 77 12.54 -10.97 10.90
CA VAL E 77 11.46 -11.94 11.02
C VAL E 77 10.48 -11.36 12.05
N VAL E 78 9.27 -11.03 11.63
CA VAL E 78 8.37 -10.37 12.56
C VAL E 78 7.49 -11.37 13.32
N THR E 79 7.16 -12.52 12.74
CA THR E 79 6.39 -13.56 13.44
C THR E 79 6.45 -14.85 12.65
N SER E 80 6.22 -15.95 13.36
CA SER E 80 6.19 -17.28 12.72
C SER E 80 5.22 -18.18 13.46
N ARG E 81 4.77 -19.21 12.76
CA ARG E 81 3.77 -20.04 13.39
C ARG E 81 3.65 -21.34 12.62
N VAL E 82 3.40 -22.41 13.36
CA VAL E 82 2.96 -23.68 12.82
C VAL E 82 1.55 -23.95 13.32
N ILE E 83 0.65 -24.24 12.39
CA ILE E 83 -0.72 -24.62 12.73
C ILE E 83 -0.88 -26.07 12.35
N ALA E 84 -0.95 -26.93 13.37
CA ALA E 84 -0.90 -28.37 13.12
C ALA E 84 -2.17 -28.88 12.44
N ARG E 85 -3.31 -28.25 12.66
CA ARG E 85 -4.57 -28.73 12.07
C ARG E 85 -5.43 -27.53 11.72
N PRO E 86 -5.17 -26.91 10.59
CA PRO E 86 -5.91 -25.69 10.23
C PRO E 86 -7.37 -25.97 9.88
N HIS E 87 -8.25 -25.10 10.38
CA HIS E 87 -9.70 -25.26 10.18
C HIS E 87 -10.15 -24.74 8.81
N ASN E 88 -9.57 -23.65 8.32
CA ASN E 88 -9.90 -23.12 7.01
C ASN E 88 -8.69 -23.23 6.08
N ASP E 89 -8.78 -22.61 4.90
CA ASP E 89 -7.74 -22.65 3.85
C ASP E 89 -7.43 -24.08 3.43
N ARG F 9 17.26 -24.92 -12.24
CA ARG F 9 18.67 -25.18 -11.94
C ARG F 9 19.55 -23.99 -12.33
N GLU F 10 19.09 -22.78 -11.99
CA GLU F 10 19.90 -21.57 -12.13
C GLU F 10 19.89 -20.83 -10.80
N ALA F 11 21.01 -20.19 -10.48
CA ALA F 11 21.07 -19.41 -9.26
C ALA F 11 20.24 -18.12 -9.38
N LEU F 12 19.93 -17.53 -8.23
CA LEU F 12 19.03 -16.40 -8.13
C LEU F 12 19.73 -15.30 -7.36
N GLY F 13 19.76 -14.09 -7.91
CA GLY F 13 20.32 -12.93 -7.23
C GLY F 13 19.21 -11.94 -6.90
N LEU F 14 19.30 -11.34 -5.73
CA LEU F 14 18.21 -10.55 -5.15
C LEU F 14 18.80 -9.29 -4.53
N ILE F 15 18.31 -8.12 -4.96
CA ILE F 15 18.64 -6.85 -4.35
C ILE F 15 17.34 -6.11 -4.04
N GLU F 16 17.17 -5.72 -2.78
CA GLU F 16 15.99 -4.99 -2.34
C GLU F 16 16.41 -3.59 -1.91
N THR F 17 15.73 -2.58 -2.44
CA THR F 17 16.07 -1.20 -2.16
C THR F 17 14.86 -0.47 -1.64
N LYS F 18 15.13 0.60 -0.90
CA LYS F 18 14.10 1.55 -0.53
C LYS F 18 13.95 2.51 -1.71
N GLY F 19 12.89 2.34 -2.49
CA GLY F 19 12.59 3.21 -3.61
C GLY F 19 12.82 2.53 -4.96
N LEU F 20 12.05 2.96 -5.95
CA LEU F 20 12.13 2.34 -7.28
C LEU F 20 13.38 2.72 -8.05
N VAL F 21 13.93 3.92 -7.84
CA VAL F 21 15.02 4.36 -8.71
C VAL F 21 16.31 3.64 -8.40
N ALA F 22 16.61 3.44 -7.11
CA ALA F 22 17.76 2.63 -6.72
C ALA F 22 17.64 1.20 -7.25
N CYS F 23 16.41 0.68 -7.30
CA CYS F 23 16.22 -0.69 -7.76
C CYS F 23 16.51 -0.82 -9.25
N ILE F 24 16.04 0.13 -10.05
CA ILE F 24 16.32 0.12 -11.49
C ILE F 24 17.82 0.21 -11.73
N GLU F 25 18.51 1.04 -10.92
CA GLU F 25 19.96 1.15 -11.01
C GLU F 25 20.65 -0.16 -10.62
N ALA F 26 20.19 -0.79 -9.53
CA ALA F 26 20.73 -2.08 -9.14
C ALA F 26 20.54 -3.09 -10.26
N ALA F 27 19.35 -3.13 -10.85
CA ALA F 27 19.09 -4.11 -11.90
C ALA F 27 19.92 -3.83 -13.14
N ASP F 28 20.09 -2.55 -13.49
CA ASP F 28 20.93 -2.20 -14.64
C ASP F 28 22.38 -2.57 -14.39
N ALA F 29 22.89 -2.32 -13.18
CA ALA F 29 24.27 -2.64 -12.87
C ALA F 29 24.48 -4.15 -12.75
N MET F 30 23.47 -4.89 -12.30
CA MET F 30 23.55 -6.35 -12.32
C MET F 30 23.69 -6.86 -13.75
N CYS F 31 22.83 -6.40 -14.66
CA CYS F 31 22.88 -6.88 -16.03
C CYS F 31 24.11 -6.37 -16.80
N ALA F 32 24.74 -5.28 -16.35
CA ALA F 32 25.97 -4.83 -16.99
C ALA F 32 27.20 -5.60 -16.50
N ALA F 33 27.12 -6.14 -15.29
CA ALA F 33 28.29 -6.70 -14.62
C ALA F 33 28.59 -8.13 -15.02
N ALA F 34 27.58 -8.92 -15.38
CA ALA F 34 27.80 -10.33 -15.63
C ALA F 34 26.69 -10.86 -16.52
N ASN F 35 26.81 -12.13 -16.88
CA ASN F 35 25.89 -12.75 -17.82
C ASN F 35 24.63 -13.26 -17.10
N VAL F 36 23.89 -12.33 -16.50
CA VAL F 36 22.65 -12.66 -15.83
C VAL F 36 21.49 -12.06 -16.61
N GLU F 37 20.32 -12.61 -16.35
CA GLU F 37 19.08 -12.20 -17.01
C GLU F 37 18.11 -11.70 -15.95
N LEU F 38 17.59 -10.49 -16.15
CA LEU F 38 16.62 -9.90 -15.23
C LEU F 38 15.32 -10.68 -15.29
N ILE F 39 14.85 -11.15 -14.13
CA ILE F 39 13.57 -11.86 -14.09
C ILE F 39 12.41 -10.87 -14.02
N GLY F 40 12.59 -9.75 -13.34
CA GLY F 40 11.52 -8.82 -13.08
C GLY F 40 11.76 -8.11 -11.76
N TYR F 41 10.77 -7.35 -11.34
CA TYR F 41 10.81 -6.69 -10.04
C TYR F 41 9.73 -7.27 -9.14
N GLY F 42 9.96 -7.16 -7.83
CA GLY F 42 8.95 -7.50 -6.85
C GLY F 42 8.77 -6.35 -5.90
N ASN F 43 7.53 -5.89 -5.71
CA ASN F 43 7.22 -4.78 -4.82
C ASN F 43 6.25 -5.28 -3.76
N VAL F 44 6.61 -5.06 -2.50
CA VAL F 44 5.78 -5.50 -1.38
C VAL F 44 5.25 -4.31 -0.58
N GLY F 45 5.25 -3.12 -1.20
CA GLY F 45 4.87 -1.91 -0.52
C GLY F 45 5.92 -1.49 0.48
N SER F 46 5.61 -0.37 1.15
CA SER F 46 6.51 0.35 2.06
C SER F 46 7.72 0.92 1.33
N GLY F 47 7.64 1.09 0.00
CA GLY F 47 8.77 1.55 -0.76
C GLY F 47 9.81 0.49 -1.08
N LEU F 48 9.64 -0.74 -0.57
CA LEU F 48 10.62 -1.80 -0.77
C LEU F 48 10.39 -2.45 -2.14
N VAL F 49 11.42 -2.46 -2.96
CA VAL F 49 11.36 -3.00 -4.32
C VAL F 49 12.56 -3.91 -4.52
N THR F 50 12.35 -5.06 -5.17
CA THR F 50 13.38 -6.08 -5.30
C THR F 50 13.66 -6.36 -6.77
N ALA F 51 14.93 -6.26 -7.16
CA ALA F 51 15.39 -6.73 -8.46
C ALA F 51 15.86 -8.18 -8.36
N MET F 52 15.46 -9.01 -9.32
CA MET F 52 15.75 -10.43 -9.28
C MET F 52 16.43 -10.85 -10.57
N VAL F 53 17.59 -11.50 -10.47
CA VAL F 53 18.36 -11.92 -11.65
C VAL F 53 18.59 -13.43 -11.60
N LYS F 54 18.88 -13.98 -12.79
CA LYS F 54 19.07 -15.40 -13.04
C LYS F 54 20.39 -15.62 -13.79
N GLY F 55 21.15 -16.65 -13.39
CA GLY F 55 22.34 -17.03 -14.11
C GLY F 55 23.08 -18.12 -13.37
N ASP F 56 24.28 -18.45 -13.88
CA ASP F 56 25.15 -19.35 -13.14
C ASP F 56 25.67 -18.64 -11.90
N VAL F 57 26.03 -19.43 -10.87
CA VAL F 57 26.27 -18.83 -9.55
C VAL F 57 27.43 -17.85 -9.59
N GLY F 58 28.43 -18.10 -10.44
CA GLY F 58 29.53 -17.15 -10.57
C GLY F 58 29.08 -15.82 -11.13
N ALA F 59 28.36 -15.85 -12.25
CA ALA F 59 27.80 -14.61 -12.81
C ALA F 59 26.88 -13.92 -11.82
N VAL F 60 26.01 -14.67 -11.13
CA VAL F 60 25.04 -14.04 -10.23
C VAL F 60 25.75 -13.35 -9.06
N ASN F 61 26.80 -13.98 -8.53
CA ASN F 61 27.58 -13.37 -7.46
C ASN F 61 28.25 -12.08 -7.93
N ALA F 62 28.73 -12.05 -9.18
CA ALA F 62 29.37 -10.84 -9.67
C ALA F 62 28.36 -9.72 -9.94
N ALA F 63 27.19 -10.07 -10.47
CA ALA F 63 26.15 -9.05 -10.72
C ALA F 63 25.65 -8.43 -9.42
N VAL F 64 25.26 -9.28 -8.47
CA VAL F 64 24.72 -8.75 -7.22
C VAL F 64 25.74 -7.84 -6.53
N ASP F 65 27.01 -8.27 -6.51
CA ASP F 65 28.09 -7.47 -5.93
C ASP F 65 28.13 -6.04 -6.48
N SER F 66 28.15 -5.89 -7.81
CA SER F 66 28.21 -4.53 -8.31
C SER F 66 26.83 -3.88 -8.43
N GLY F 67 25.77 -4.68 -8.53
CA GLY F 67 24.43 -4.14 -8.36
C GLY F 67 24.26 -3.43 -7.03
N VAL F 68 24.79 -4.02 -5.95
CA VAL F 68 24.71 -3.39 -4.63
C VAL F 68 25.55 -2.12 -4.59
N GLU F 69 26.74 -2.14 -5.19
CA GLU F 69 27.60 -0.96 -5.17
C GLU F 69 26.96 0.21 -5.91
N ALA F 70 26.36 -0.05 -7.08
CA ALA F 70 25.71 1.01 -7.84
C ALA F 70 24.50 1.60 -7.09
N ALA F 71 23.65 0.73 -6.53
CA ALA F 71 22.45 1.22 -5.85
C ALA F 71 22.80 2.10 -4.65
N ARG F 72 23.85 1.73 -3.90
CA ARG F 72 24.19 2.49 -2.70
C ARG F 72 24.58 3.92 -3.02
N ARG F 73 25.12 4.16 -4.22
CA ARG F 73 25.34 5.53 -4.66
C ARG F 73 24.02 6.29 -4.75
N ILE F 74 22.96 5.63 -5.22
CA ILE F 74 21.69 6.31 -5.44
C ILE F 74 20.86 6.41 -4.16
N GLY F 75 20.85 5.34 -3.36
CA GLY F 75 19.93 5.32 -2.24
C GLY F 75 20.19 4.23 -1.22
N GLU F 76 19.11 3.65 -0.69
CA GLU F 76 19.19 2.71 0.41
C GLU F 76 19.06 1.29 -0.14
N VAL F 77 20.07 0.47 0.11
CA VAL F 77 20.01 -0.97 -0.15
C VAL F 77 19.68 -1.64 1.18
N VAL F 78 18.50 -2.25 1.27
CA VAL F 78 18.06 -2.79 2.55
C VAL F 78 18.49 -4.25 2.76
N THR F 79 18.62 -5.05 1.70
CA THR F 79 19.11 -6.43 1.82
C THR F 79 19.45 -6.97 0.43
N SER F 80 20.30 -8.00 0.41
CA SER F 80 20.65 -8.69 -0.82
C SER F 80 21.01 -10.13 -0.51
N ARG F 81 20.96 -10.97 -1.55
CA ARG F 81 21.17 -12.40 -1.37
C ARG F 81 21.42 -13.04 -2.71
N VAL F 82 22.28 -14.06 -2.70
CA VAL F 82 22.45 -14.99 -3.82
C VAL F 82 22.01 -16.36 -3.32
N ILE F 83 21.11 -17.00 -4.05
CA ILE F 83 20.66 -18.35 -3.73
C ILE F 83 21.17 -19.23 -4.85
N ALA F 84 22.17 -20.05 -4.55
CA ALA F 84 22.87 -20.79 -5.60
C ALA F 84 22.03 -21.91 -6.20
N ARG F 85 21.12 -22.51 -5.43
CA ARG F 85 20.30 -23.63 -5.89
C ARG F 85 18.93 -23.48 -5.29
N PRO F 86 18.08 -22.64 -5.87
CA PRO F 86 16.75 -22.37 -5.31
C PRO F 86 15.81 -23.56 -5.40
N HIS F 87 15.02 -23.77 -4.35
CA HIS F 87 14.07 -24.88 -4.31
C HIS F 87 12.76 -24.57 -5.02
N ASN F 88 12.23 -23.36 -4.86
CA ASN F 88 10.94 -23.02 -5.50
C ASN F 88 11.03 -21.90 -6.53
#